data_6AWR
#
_entry.id   6AWR
#
_cell.length_a   41.041
_cell.length_b   87.291
_cell.length_c   42.850
_cell.angle_alpha   90.00
_cell.angle_beta   96.69
_cell.angle_gamma   90.00
#
_symmetry.space_group_name_H-M   'P 1 21 1'
#
loop_
_entity.id
_entity.type
_entity.pdbx_description
1 polymer 'Ara h 8 allergen'
2 non-polymer '8-ANILINO-1-NAPHTHALENE SULFONATE'
3 non-polymer 'SODIUM ION'
4 non-polymer 'SULFATE ION'
5 water water
#
_entity_poly.entity_id   1
_entity_poly.type   'polypeptide(L)'
_entity_poly.pdbx_seq_one_letter_code
;MGVFTFEDEITSTVPPAKLYNAMKDADSITPKIIDDVKSVEIVEGNGGPGTIKKLTIVEDGETKFILHKVESIDEANYAY
NYSVVGGVALPPTAEKITFETKLVEGPNGGSIGKLTLKYHTKGDAKPDEEELKKGKAKGEGLFRAIEGYVLANPTQY
;
_entity_poly.pdbx_strand_id   A,B
#
# COMPACT_ATOMS: atom_id res chain seq x y z
N GLY A 2 9.60 -31.53 -9.68
CA GLY A 2 9.65 -31.63 -8.20
C GLY A 2 8.86 -30.47 -7.63
N VAL A 3 8.62 -30.50 -6.34
CA VAL A 3 8.00 -29.37 -5.70
C VAL A 3 8.94 -28.90 -4.60
N PHE A 4 9.23 -27.60 -4.60
CA PHE A 4 10.07 -27.02 -3.60
C PHE A 4 9.32 -25.93 -2.82
N THR A 5 9.29 -26.10 -1.49
CA THR A 5 8.49 -25.30 -0.61
C THR A 5 9.34 -24.40 0.24
N PHE A 6 8.91 -23.15 0.38
CA PHE A 6 9.59 -22.10 1.11
C PHE A 6 8.55 -21.36 1.94
N GLU A 7 8.87 -21.16 3.21
CA GLU A 7 7.95 -20.43 4.13
C GLU A 7 8.67 -19.22 4.70
N ASP A 8 7.97 -18.10 4.72
CA ASP A 8 8.44 -16.88 5.34
C ASP A 8 7.41 -16.36 6.31
N GLU A 9 7.89 -15.96 7.50
CA GLU A 9 7.01 -15.37 8.50
C GLU A 9 7.04 -13.85 8.39
N ILE A 10 5.86 -13.23 8.36
CA ILE A 10 5.74 -11.77 8.21
C ILE A 10 4.80 -11.26 9.30
N THR A 11 4.78 -9.94 9.46
CA THR A 11 3.84 -9.26 10.33
C THR A 11 3.06 -8.16 9.63
N SER A 12 1.94 -7.78 10.24
CA SER A 12 1.20 -6.58 9.83
C SER A 12 0.63 -5.95 11.05
N THR A 13 0.47 -4.63 11.03
CA THR A 13 -0.29 -3.94 12.08
C THR A 13 -1.81 -4.09 11.85
N VAL A 14 -2.22 -4.58 10.68
CA VAL A 14 -3.64 -4.81 10.38
C VAL A 14 -4.09 -6.18 10.96
N PRO A 15 -5.27 -6.23 11.60
CA PRO A 15 -5.78 -7.47 12.13
C PRO A 15 -6.15 -8.47 11.04
N PRO A 16 -6.12 -9.76 11.38
CA PRO A 16 -6.20 -10.74 10.29
C PRO A 16 -7.54 -10.85 9.55
N ALA A 17 -8.68 -10.63 10.22
CA ALA A 17 -9.97 -10.74 9.54
C ALA A 17 -10.11 -9.68 8.46
N LYS A 18 -9.50 -8.52 8.67
CA LYS A 18 -9.52 -7.44 7.70
C LYS A 18 -8.67 -7.74 6.49
N LEU A 19 -7.45 -8.23 6.76
CA LEU A 19 -6.58 -8.66 5.66
C LEU A 19 -7.19 -9.77 4.88
N TYR A 20 -7.81 -10.74 5.57
CA TYR A 20 -8.49 -11.85 4.87
C TYR A 20 -9.63 -11.33 3.96
N ASN A 21 -10.42 -10.40 4.49
CA ASN A 21 -11.54 -9.91 3.72
C ASN A 21 -11.00 -9.12 2.55
N ALA A 22 -9.89 -8.39 2.76
CA ALA A 22 -9.33 -7.58 1.68
C ALA A 22 -8.65 -8.44 0.60
N MET A 23 -8.01 -9.53 1.01
CA MET A 23 -7.37 -10.51 0.11
C MET A 23 -8.39 -11.04 -0.87
N LYS A 24 -9.63 -11.18 -0.44
CA LYS A 24 -10.72 -11.56 -1.33
C LYS A 24 -11.19 -10.47 -2.33
N ASP A 25 -10.86 -9.20 -2.10
CA ASP A 25 -11.10 -8.11 -3.06
C ASP A 25 -9.85 -7.85 -3.93
N ALA A 26 -8.96 -8.82 -4.02
CA ALA A 26 -7.67 -8.61 -4.67
C ALA A 26 -7.81 -8.19 -6.13
N ASP A 27 -8.84 -8.71 -6.82
CA ASP A 27 -9.02 -8.36 -8.22
C ASP A 27 -9.26 -6.88 -8.41
N SER A 28 -9.95 -6.24 -7.46
CA SER A 28 -10.18 -4.80 -7.50
CA SER A 28 -10.15 -4.79 -7.56
C SER A 28 -8.99 -3.99 -6.98
N ILE A 29 -8.37 -4.46 -5.90
CA ILE A 29 -7.28 -3.72 -5.25
C ILE A 29 -5.99 -3.69 -6.05
N THR A 30 -5.65 -4.86 -6.61
CA THR A 30 -4.34 -5.08 -7.25
CA THR A 30 -4.34 -4.99 -7.19
C THR A 30 -4.07 -4.03 -8.33
N PRO A 31 -5.02 -3.84 -9.28
CA PRO A 31 -4.67 -2.83 -10.33
C PRO A 31 -4.58 -1.38 -9.84
N LYS A 32 -5.25 -1.07 -8.72
CA LYS A 32 -5.18 0.25 -8.13
C LYS A 32 -3.81 0.52 -7.54
N ILE A 33 -3.33 -0.47 -6.78
CA ILE A 33 -2.12 -0.24 -5.98
C ILE A 33 -0.84 -0.63 -6.71
N ILE A 34 -0.87 -1.68 -7.51
CA ILE A 34 0.34 -2.15 -8.19
C ILE A 34 0.35 -1.50 -9.55
N ASP A 35 1.33 -0.63 -9.79
CA ASP A 35 1.38 0.19 -11.00
C ASP A 35 1.31 -0.67 -12.27
N ASP A 36 2.11 -1.71 -12.29
CA ASP A 36 2.24 -2.53 -13.48
C ASP A 36 1.08 -3.51 -13.76
N VAL A 37 0.21 -3.74 -12.79
CA VAL A 37 -0.97 -4.55 -12.99
C VAL A 37 -2.05 -3.62 -13.55
N LYS A 38 -2.53 -3.89 -14.76
CA LYS A 38 -3.56 -3.07 -15.36
C LYS A 38 -4.97 -3.57 -15.23
N SER A 39 -5.12 -4.89 -15.28
CA SER A 39 -6.47 -5.45 -15.13
C SER A 39 -6.43 -6.86 -14.65
N VAL A 40 -7.55 -7.27 -14.03
CA VAL A 40 -7.74 -8.65 -13.60
C VAL A 40 -9.13 -9.08 -14.10
N GLU A 41 -9.17 -10.11 -14.94
CA GLU A 41 -10.44 -10.56 -15.53
CA GLU A 41 -10.40 -10.60 -15.64
C GLU A 41 -10.65 -12.03 -15.18
N ILE A 42 -11.85 -12.37 -14.74
CA ILE A 42 -12.22 -13.72 -14.49
C ILE A 42 -12.49 -14.41 -15.82
N VAL A 43 -11.77 -15.50 -16.08
CA VAL A 43 -11.94 -16.33 -17.31
C VAL A 43 -12.98 -17.42 -17.10
N GLU A 44 -12.94 -18.08 -15.96
CA GLU A 44 -13.93 -19.04 -15.56
C GLU A 44 -14.06 -19.03 -14.07
N GLY A 45 -15.27 -19.21 -13.58
CA GLY A 45 -15.50 -19.45 -12.18
C GLY A 45 -16.12 -18.23 -11.57
N ASN A 46 -16.48 -18.35 -10.29
CA ASN A 46 -17.25 -17.34 -9.60
C ASN A 46 -16.44 -16.49 -8.64
N GLY A 47 -15.13 -16.74 -8.56
CA GLY A 47 -14.23 -16.08 -7.66
C GLY A 47 -13.68 -17.02 -6.58
N GLY A 48 -14.36 -18.12 -6.32
CA GLY A 48 -13.89 -19.08 -5.33
C GLY A 48 -12.90 -20.06 -5.89
N PRO A 49 -12.57 -21.09 -5.11
CA PRO A 49 -11.62 -22.11 -5.57
C PRO A 49 -11.96 -22.66 -6.95
N GLY A 50 -10.91 -22.76 -7.78
CA GLY A 50 -11.00 -23.20 -9.16
C GLY A 50 -11.06 -22.07 -10.14
N THR A 51 -11.34 -20.84 -9.69
CA THR A 51 -11.46 -19.68 -10.56
C THR A 51 -10.15 -19.42 -11.29
N ILE A 52 -10.26 -19.18 -12.60
CA ILE A 52 -9.10 -18.81 -13.44
C ILE A 52 -9.21 -17.35 -13.78
N LYS A 53 -8.10 -16.61 -13.62
CA LYS A 53 -8.08 -15.20 -13.84
C LYS A 53 -6.97 -14.87 -14.80
N LYS A 54 -7.26 -13.93 -15.70
CA LYS A 54 -6.23 -13.38 -16.59
C LYS A 54 -5.83 -12.00 -16.12
N LEU A 55 -4.55 -11.78 -15.88
CA LEU A 55 -4.01 -10.52 -15.45
C LEU A 55 -3.28 -9.91 -16.65
N THR A 56 -3.57 -8.65 -16.90
CA THR A 56 -2.85 -7.89 -17.91
C THR A 56 -1.89 -6.99 -17.20
N ILE A 57 -0.60 -7.11 -17.51
CA ILE A 57 0.43 -6.31 -16.87
C ILE A 57 1.21 -5.61 -17.94
N VAL A 58 2.05 -4.68 -17.50
N VAL A 58 2.05 -4.68 -17.50
CA VAL A 58 3.02 -4.05 -18.37
CA VAL A 58 3.02 -4.05 -18.38
C VAL A 58 4.41 -4.31 -17.79
C VAL A 58 4.41 -4.31 -17.79
N GLU A 59 5.34 -4.62 -18.67
CA GLU A 59 6.75 -4.79 -18.29
C GLU A 59 7.48 -4.03 -19.37
N ASP A 60 8.12 -2.92 -19.01
CA ASP A 60 8.94 -2.17 -19.95
C ASP A 60 8.15 -1.64 -21.12
N GLY A 61 6.98 -1.10 -20.88
CA GLY A 61 6.15 -0.62 -21.95
C GLY A 61 5.51 -1.68 -22.84
N GLU A 62 5.65 -2.96 -22.51
CA GLU A 62 5.08 -4.04 -23.31
C GLU A 62 4.00 -4.73 -22.51
N THR A 63 2.85 -4.93 -23.14
CA THR A 63 1.73 -5.62 -22.45
C THR A 63 2.00 -7.12 -22.44
N LYS A 64 1.82 -7.73 -21.25
CA LYS A 64 2.00 -9.16 -21.06
C LYS A 64 0.81 -9.70 -20.31
N PHE A 65 0.59 -11.01 -20.45
CA PHE A 65 -0.56 -11.66 -19.86
C PHE A 65 -0.11 -12.78 -18.94
N ILE A 66 -0.76 -12.86 -17.79
CA ILE A 66 -0.43 -13.79 -16.73
C ILE A 66 -1.74 -14.51 -16.40
N LEU A 67 -1.61 -15.79 -16.08
CA LEU A 67 -2.80 -16.57 -15.69
C LEU A 67 -2.71 -17.01 -14.25
N HIS A 68 -3.75 -16.79 -13.45
CA HIS A 68 -3.78 -17.23 -12.03
C HIS A 68 -4.92 -18.20 -11.85
N LYS A 69 -4.76 -19.09 -10.89
CA LYS A 69 -5.85 -19.98 -10.47
C LYS A 69 -6.06 -19.80 -8.97
N VAL A 70 -7.29 -19.57 -8.52
CA VAL A 70 -7.61 -19.62 -7.08
C VAL A 70 -7.61 -21.08 -6.64
N GLU A 71 -6.81 -21.44 -5.67
CA GLU A 71 -6.64 -22.84 -5.29
C GLU A 71 -7.59 -23.27 -4.20
N SER A 72 -7.64 -22.54 -3.13
CA SER A 72 -8.36 -23.03 -1.95
C SER A 72 -8.45 -21.81 -1.05
N ILE A 73 -9.47 -21.85 -0.22
CA ILE A 73 -9.67 -20.84 0.74
C ILE A 73 -10.10 -21.65 1.98
N ASP A 74 -9.71 -21.16 3.13
CA ASP A 74 -10.00 -21.83 4.40
C ASP A 74 -10.17 -20.68 5.34
N GLU A 75 -11.41 -20.22 5.42
CA GLU A 75 -11.74 -19.08 6.27
C GLU A 75 -11.40 -19.35 7.76
N ALA A 76 -11.52 -20.60 8.19
CA ALA A 76 -11.18 -20.98 9.56
C ALA A 76 -9.79 -20.59 10.02
N ASN A 77 -8.83 -20.64 9.12
CA ASN A 77 -7.47 -20.28 9.42
C ASN A 77 -7.03 -19.03 8.67
N TYR A 78 -7.99 -18.19 8.27
CA TYR A 78 -7.72 -16.97 7.46
C TYR A 78 -6.68 -17.25 6.37
N ALA A 79 -6.98 -18.26 5.55
CA ALA A 79 -6.06 -18.81 4.56
C ALA A 79 -6.60 -18.71 3.15
N TYR A 80 -5.72 -18.30 2.22
CA TYR A 80 -6.12 -17.96 0.83
C TYR A 80 -4.92 -18.42 0.00
N ASN A 81 -5.14 -19.29 -0.98
CA ASN A 81 -4.06 -19.83 -1.82
C ASN A 81 -4.40 -19.57 -3.28
N TYR A 82 -3.42 -19.12 -4.04
CA TYR A 82 -3.58 -18.94 -5.47
C TYR A 82 -2.29 -19.36 -6.18
N SER A 83 -2.39 -19.72 -7.46
CA SER A 83 -1.20 -20.15 -8.20
C SER A 83 -1.07 -19.34 -9.47
N VAL A 84 0.17 -19.13 -9.86
CA VAL A 84 0.51 -18.67 -11.23
C VAL A 84 0.63 -19.88 -12.10
N VAL A 85 -0.18 -19.94 -13.14
CA VAL A 85 -0.32 -21.10 -14.05
C VAL A 85 -0.03 -20.80 -15.49
N GLY A 86 0.24 -19.54 -15.80
CA GLY A 86 0.64 -19.18 -17.16
C GLY A 86 1.29 -17.81 -17.21
N GLY A 87 2.14 -17.65 -18.20
CA GLY A 87 2.85 -16.38 -18.46
C GLY A 87 4.29 -16.33 -18.00
N VAL A 88 4.86 -15.13 -18.01
CA VAL A 88 6.31 -14.93 -17.93
C VAL A 88 7.03 -15.49 -16.66
N ALA A 89 6.27 -15.70 -15.56
CA ALA A 89 6.89 -16.23 -14.33
C ALA A 89 7.09 -17.73 -14.34
N LEU A 90 6.64 -18.41 -15.40
CA LEU A 90 6.88 -19.80 -15.59
C LEU A 90 7.80 -20.05 -16.78
N PRO A 91 9.13 -19.97 -16.54
CA PRO A 91 10.10 -20.30 -17.54
C PRO A 91 10.00 -21.77 -17.86
N PRO A 92 10.63 -22.22 -18.94
CA PRO A 92 10.41 -23.56 -19.44
C PRO A 92 10.54 -24.72 -18.50
N THR A 93 11.40 -24.64 -17.48
CA THR A 93 11.50 -25.73 -16.53
C THR A 93 10.55 -25.60 -15.33
N ALA A 94 9.75 -24.50 -15.26
CA ALA A 94 8.75 -24.34 -14.23
C ALA A 94 7.36 -24.73 -14.71
N GLU A 95 6.62 -25.41 -13.87
CA GLU A 95 5.26 -25.84 -14.20
C GLU A 95 4.23 -24.86 -13.68
N LYS A 96 4.38 -24.46 -12.41
CA LYS A 96 3.45 -23.55 -11.76
C LYS A 96 4.07 -23.12 -10.43
N ILE A 97 3.58 -22.02 -9.89
CA ILE A 97 4.04 -21.51 -8.62
C ILE A 97 2.83 -21.22 -7.78
N THR A 98 2.78 -21.78 -6.58
CA THR A 98 1.65 -21.57 -5.67
C THR A 98 2.03 -20.69 -4.52
N PHE A 99 1.20 -19.71 -4.28
CA PHE A 99 1.40 -18.69 -3.23
C PHE A 99 0.30 -18.87 -2.18
N GLU A 100 0.68 -19.31 -0.98
CA GLU A 100 -0.24 -19.55 0.12
C GLU A 100 -0.02 -18.47 1.15
N THR A 101 -1.11 -18.02 1.74
CA THR A 101 -1.09 -17.03 2.81
C THR A 101 -1.99 -17.53 3.92
N LYS A 102 -1.44 -17.59 5.14
CA LYS A 102 -2.24 -17.92 6.32
C LYS A 102 -1.96 -16.89 7.38
N LEU A 103 -3.02 -16.45 8.07
CA LEU A 103 -2.90 -15.41 9.09
C LEU A 103 -3.42 -15.83 10.44
N VAL A 104 -2.75 -15.36 11.49
CA VAL A 104 -3.23 -15.48 12.86
C VAL A 104 -3.13 -14.11 13.54
N GLU A 105 -3.81 -13.96 14.67
CA GLU A 105 -3.74 -12.72 15.44
C GLU A 105 -2.30 -12.55 15.95
N GLY A 106 -1.82 -11.30 15.93
CA GLY A 106 -0.48 -10.92 16.43
C GLY A 106 -0.58 -10.41 17.87
N PRO A 107 0.54 -9.96 18.47
CA PRO A 107 0.51 -9.48 19.89
C PRO A 107 -0.13 -8.13 20.25
N ASN A 108 -0.54 -7.33 19.27
CA ASN A 108 -1.03 -5.96 19.51
C ASN A 108 -2.06 -5.47 18.48
N GLY A 109 -3.07 -6.31 18.24
CA GLY A 109 -4.14 -5.94 17.34
C GLY A 109 -3.79 -6.13 15.88
N GLY A 110 -2.63 -6.73 15.60
CA GLY A 110 -2.18 -6.94 14.19
C GLY A 110 -2.23 -8.41 13.84
N SER A 111 -1.38 -8.81 12.90
CA SER A 111 -1.35 -10.17 12.36
C SER A 111 0.06 -10.72 12.30
N ILE A 112 0.15 -12.04 12.40
CA ILE A 112 1.37 -12.78 12.02
C ILE A 112 0.98 -13.62 10.81
N GLY A 113 1.72 -13.48 9.72
CA GLY A 113 1.46 -14.17 8.49
C GLY A 113 2.51 -15.23 8.18
N LYS A 114 2.07 -16.28 7.46
CA LYS A 114 2.97 -17.26 6.89
C LYS A 114 2.74 -17.20 5.40
N LEU A 115 3.76 -16.81 4.64
CA LEU A 115 3.74 -16.84 3.16
C LEU A 115 4.48 -18.07 2.72
N THR A 116 3.77 -18.99 2.07
CA THR A 116 4.38 -20.20 1.55
C THR A 116 4.47 -20.07 0.03
N LEU A 117 5.64 -20.36 -0.51
CA LEU A 117 5.83 -20.40 -1.96
C LEU A 117 6.15 -21.83 -2.31
N LYS A 118 5.31 -22.44 -3.15
CA LYS A 118 5.59 -23.80 -3.66
C LYS A 118 5.90 -23.72 -5.14
N TYR A 119 7.17 -24.02 -5.46
CA TYR A 119 7.69 -23.89 -6.79
C TYR A 119 7.70 -25.23 -7.44
N HIS A 120 6.79 -25.45 -8.38
CA HIS A 120 6.68 -26.76 -9.06
C HIS A 120 7.53 -26.77 -10.32
N THR A 121 8.51 -27.64 -10.39
CA THR A 121 9.38 -27.74 -11.57
C THR A 121 8.96 -28.93 -12.44
N LYS A 122 9.41 -28.90 -13.68
CA LYS A 122 9.25 -30.07 -14.56
C LYS A 122 10.36 -31.08 -14.28
N GLY A 123 9.94 -32.32 -13.97
CA GLY A 123 10.82 -33.45 -13.76
C GLY A 123 11.85 -33.18 -12.67
N ASP A 124 13.09 -33.19 -13.12
CA ASP A 124 14.30 -33.18 -12.37
C ASP A 124 14.81 -31.77 -12.03
N ALA A 125 14.20 -30.74 -12.61
CA ALA A 125 14.80 -29.40 -12.51
C ALA A 125 14.62 -28.85 -11.09
N LYS A 126 15.46 -27.92 -10.71
CA LYS A 126 15.30 -27.19 -9.48
C LYS A 126 14.91 -25.77 -9.81
N PRO A 127 14.40 -25.02 -8.81
CA PRO A 127 14.10 -23.60 -9.07
C PRO A 127 15.37 -22.84 -9.35
N ASP A 128 15.36 -22.01 -10.39
CA ASP A 128 16.45 -21.03 -10.56
C ASP A 128 16.46 -20.07 -9.36
N GLU A 129 17.65 -19.75 -8.86
CA GLU A 129 17.71 -18.92 -7.63
C GLU A 129 17.10 -17.52 -7.83
N GLU A 130 17.39 -16.91 -8.98
CA GLU A 130 16.81 -15.61 -9.24
C GLU A 130 15.29 -15.72 -9.44
N GLU A 131 14.81 -16.78 -10.06
CA GLU A 131 13.35 -16.95 -10.21
C GLU A 131 12.66 -17.10 -8.84
N LEU A 132 13.30 -17.81 -7.92
CA LEU A 132 12.75 -17.93 -6.58
C LEU A 132 12.72 -16.60 -5.86
N LYS A 133 13.79 -15.83 -5.98
CA LYS A 133 13.85 -14.49 -5.42
C LYS A 133 12.74 -13.61 -5.95
N LYS A 134 12.54 -13.63 -7.27
CA LYS A 134 11.51 -12.85 -7.91
C LYS A 134 10.13 -13.25 -7.45
N GLY A 135 9.96 -14.57 -7.34
CA GLY A 135 8.67 -15.10 -6.92
C GLY A 135 8.32 -14.70 -5.50
N LYS A 136 9.27 -14.83 -4.59
CA LYS A 136 9.04 -14.37 -3.21
C LYS A 136 8.71 -12.87 -3.16
N ALA A 137 9.41 -12.09 -3.97
CA ALA A 137 9.13 -10.67 -4.02
C ALA A 137 7.72 -10.36 -4.50
N LYS A 138 7.24 -11.05 -5.53
CA LYS A 138 5.90 -10.85 -5.99
C LYS A 138 4.86 -11.28 -4.98
N GLY A 139 5.12 -12.40 -4.30
CA GLY A 139 4.12 -12.87 -3.35
C GLY A 139 3.97 -11.90 -2.16
N GLU A 140 5.09 -11.45 -1.62
CA GLU A 140 5.07 -10.49 -0.51
C GLU A 140 4.54 -9.14 -1.02
N GLY A 141 4.89 -8.76 -2.24
CA GLY A 141 4.38 -7.51 -2.84
C GLY A 141 2.88 -7.51 -2.91
N LEU A 142 2.27 -8.64 -3.30
CA LEU A 142 0.80 -8.75 -3.34
C LEU A 142 0.22 -8.61 -1.93
N PHE A 143 0.82 -9.29 -0.95
CA PHE A 143 0.37 -9.15 0.42
C PHE A 143 0.42 -7.66 0.84
N ARG A 144 1.51 -7.00 0.53
CA ARG A 144 1.71 -5.59 0.90
C ARG A 144 0.78 -4.67 0.15
N ALA A 145 0.41 -5.02 -1.08
CA ALA A 145 -0.63 -4.22 -1.79
C ALA A 145 -1.98 -4.24 -1.05
N ILE A 146 -2.43 -5.43 -0.65
CA ILE A 146 -3.65 -5.65 0.10
C ILE A 146 -3.57 -4.90 1.42
N GLU A 147 -2.48 -5.11 2.15
CA GLU A 147 -2.29 -4.42 3.45
C GLU A 147 -2.33 -2.90 3.26
N GLY A 148 -1.62 -2.41 2.27
CA GLY A 148 -1.52 -0.97 2.01
C GLY A 148 -2.89 -0.36 1.69
N TYR A 149 -3.68 -1.10 0.92
CA TYR A 149 -5.04 -0.67 0.63
C TYR A 149 -5.88 -0.58 1.88
N VAL A 150 -5.76 -1.56 2.78
CA VAL A 150 -6.52 -1.52 4.05
C VAL A 150 -6.02 -0.33 4.87
N LEU A 151 -4.70 -0.11 4.92
CA LEU A 151 -4.17 1.01 5.70
C LEU A 151 -4.62 2.38 5.18
N ALA A 152 -4.79 2.48 3.86
CA ALA A 152 -5.15 3.74 3.26
C ALA A 152 -6.67 4.02 3.26
N ASN A 153 -7.45 2.94 3.45
CA ASN A 153 -8.93 3.00 3.31
C ASN A 153 -9.58 2.32 4.50
N PRO A 154 -9.33 2.88 5.68
CA PRO A 154 -9.73 2.16 6.88
C PRO A 154 -11.25 1.88 7.08
N THR A 155 -12.12 2.71 6.49
CA THR A 155 -13.55 2.46 6.63
C THR A 155 -14.04 1.28 5.80
N GLN A 156 -13.25 0.76 4.85
CA GLN A 156 -13.70 -0.29 3.96
C GLN A 156 -13.62 -1.71 4.53
N TYR A 157 -12.93 -1.91 5.65
CA TYR A 157 -12.81 -3.24 6.31
C TYR A 157 -12.98 -3.12 7.81
N GLY B 2 -4.37 29.00 18.40
CA GLY B 2 -3.04 28.65 18.95
C GLY B 2 -2.47 27.43 18.27
N VAL B 3 -1.19 27.16 18.50
CA VAL B 3 -0.60 26.00 17.88
C VAL B 3 -0.15 24.95 18.86
N PHE B 4 -0.46 23.71 18.54
CA PHE B 4 -0.22 22.58 19.42
C PHE B 4 0.44 21.48 18.59
N THR B 5 1.56 20.96 19.07
CA THR B 5 2.35 20.05 18.24
C THR B 5 2.70 18.77 18.98
N PHE B 6 2.86 17.72 18.20
CA PHE B 6 2.98 16.36 18.69
C PHE B 6 3.92 15.58 17.80
N GLU B 7 4.89 14.89 18.39
CA GLU B 7 5.86 14.02 17.67
C GLU B 7 5.66 12.55 17.92
N ASP B 8 5.89 11.74 16.88
CA ASP B 8 5.98 10.29 17.03
C ASP B 8 7.04 9.81 16.04
N GLU B 9 7.42 8.55 16.19
CA GLU B 9 8.36 7.86 15.34
C GLU B 9 7.78 6.51 14.90
N ILE B 10 7.88 6.22 13.61
CA ILE B 10 7.39 4.95 13.07
C ILE B 10 8.55 4.32 12.30
N THR B 11 8.77 3.02 12.46
CA THR B 11 9.83 2.36 11.70
C THR B 11 9.28 1.81 10.41
N SER B 12 10.17 1.72 9.45
CA SER B 12 9.90 1.20 8.11
C SER B 12 11.11 0.33 7.74
N THR B 13 10.83 -0.71 6.97
CA THR B 13 11.87 -1.52 6.37
C THR B 13 12.42 -0.88 5.09
N VAL B 14 11.78 0.18 4.58
CA VAL B 14 12.21 0.81 3.33
C VAL B 14 13.33 1.81 3.65
N PRO B 15 14.41 1.82 2.84
CA PRO B 15 15.51 2.75 3.11
C PRO B 15 15.08 4.18 2.84
N PRO B 16 15.71 5.15 3.51
CA PRO B 16 15.10 6.49 3.46
C PRO B 16 15.08 7.19 2.11
N ALA B 17 16.06 6.99 1.23
CA ALA B 17 16.04 7.73 -0.05
C ALA B 17 14.86 7.27 -0.92
N LYS B 18 14.57 5.99 -0.83
CA LYS B 18 13.52 5.35 -1.58
C LYS B 18 12.17 5.79 -1.01
N LEU B 19 12.02 5.70 0.30
CA LEU B 19 10.82 6.14 0.93
C LEU B 19 10.55 7.62 0.72
N TYR B 20 11.60 8.42 0.76
CA TYR B 20 11.50 9.85 0.52
C TYR B 20 11.05 10.15 -0.89
N ASN B 21 11.53 9.39 -1.86
CA ASN B 21 11.09 9.64 -3.24
C ASN B 21 9.58 9.47 -3.37
N ALA B 22 9.03 8.51 -2.64
CA ALA B 22 7.58 8.31 -2.59
C ALA B 22 6.87 9.44 -1.87
N MET B 23 7.48 9.94 -0.77
CA MET B 23 6.89 11.08 -0.06
C MET B 23 6.73 12.29 -0.98
N LYS B 24 7.74 12.55 -1.81
CA LYS B 24 7.68 13.68 -2.71
C LYS B 24 6.73 13.50 -3.91
N ASP B 25 6.32 12.25 -4.17
CA ASP B 25 5.46 11.88 -5.27
C ASP B 25 4.01 11.73 -4.80
N ALA B 26 3.62 12.42 -3.74
CA ALA B 26 2.25 12.32 -3.24
C ALA B 26 1.18 12.57 -4.26
N ASP B 27 1.40 13.50 -5.19
CA ASP B 27 0.35 13.83 -6.15
C ASP B 27 -0.01 12.62 -6.99
N SER B 28 1.00 11.80 -7.30
CA SER B 28 0.74 10.56 -8.04
C SER B 28 0.25 9.42 -7.15
N ILE B 29 0.86 9.26 -5.98
CA ILE B 29 0.56 8.12 -5.10
C ILE B 29 -0.81 8.19 -4.42
N THR B 30 -1.20 9.36 -3.91
CA THR B 30 -2.42 9.51 -3.11
C THR B 30 -3.67 8.99 -3.87
N PRO B 31 -3.86 9.37 -5.16
CA PRO B 31 -5.00 8.78 -5.84
C PRO B 31 -4.96 7.28 -6.12
N LYS B 32 -3.76 6.73 -6.16
CA LYS B 32 -3.57 5.30 -6.32
C LYS B 32 -3.96 4.53 -5.07
N ILE B 33 -3.60 5.06 -3.91
CA ILE B 33 -3.77 4.34 -2.65
C ILE B 33 -5.15 4.60 -2.01
N ILE B 34 -5.60 5.83 -2.05
CA ILE B 34 -6.85 6.16 -1.37
C ILE B 34 -7.98 6.05 -2.40
N ASP B 35 -8.89 5.15 -2.21
CA ASP B 35 -9.93 4.83 -3.21
C ASP B 35 -10.68 6.06 -3.65
N ASP B 36 -11.17 6.83 -2.67
CA ASP B 36 -12.05 7.96 -2.99
C ASP B 36 -11.31 9.22 -3.51
N VAL B 37 -9.97 9.29 -3.39
CA VAL B 37 -9.23 10.35 -3.98
C VAL B 37 -9.00 10.02 -5.42
N LYS B 38 -9.50 10.85 -6.34
CA LYS B 38 -9.44 10.56 -7.75
C LYS B 38 -8.33 11.23 -8.51
N SER B 39 -7.92 12.40 -8.03
CA SER B 39 -6.86 13.14 -8.67
C SER B 39 -6.32 14.21 -7.72
N VAL B 40 -5.13 14.74 -8.10
CA VAL B 40 -4.55 15.89 -7.43
C VAL B 40 -4.21 16.94 -8.51
N GLU B 41 -4.70 18.15 -8.31
CA GLU B 41 -4.47 19.27 -9.19
C GLU B 41 -3.69 20.36 -8.48
N ILE B 42 -2.63 20.87 -9.11
CA ILE B 42 -1.94 22.06 -8.58
C ILE B 42 -2.82 23.27 -8.91
N VAL B 43 -3.19 24.02 -7.89
CA VAL B 43 -4.04 25.22 -8.01
C VAL B 43 -3.19 26.46 -8.19
N GLU B 44 -2.08 26.55 -7.47
CA GLU B 44 -1.15 27.67 -7.56
C GLU B 44 0.23 27.17 -7.22
N GLY B 45 1.25 27.65 -7.93
CA GLY B 45 2.61 27.31 -7.60
C GLY B 45 3.15 26.25 -8.54
N ASN B 46 4.40 25.90 -8.36
CA ASN B 46 5.12 25.02 -9.27
C ASN B 46 5.39 23.64 -8.70
N GLY B 47 4.92 23.37 -7.48
CA GLY B 47 5.16 22.11 -6.83
C GLY B 47 5.99 22.20 -5.57
N GLY B 48 6.81 23.25 -5.45
CA GLY B 48 7.60 23.43 -4.25
C GLY B 48 6.89 24.09 -3.10
N PRO B 49 7.63 24.48 -2.06
CA PRO B 49 7.02 25.19 -0.92
C PRO B 49 6.13 26.36 -1.34
N GLY B 50 4.95 26.45 -0.73
CA GLY B 50 3.96 27.47 -1.01
C GLY B 50 2.90 27.03 -2.00
N THR B 51 3.14 25.90 -2.67
CA THR B 51 2.22 25.38 -3.68
C THR B 51 0.91 24.99 -2.98
N ILE B 52 -0.20 25.34 -3.62
CA ILE B 52 -1.53 24.96 -3.18
C ILE B 52 -2.03 23.88 -4.13
N LYS B 53 -2.59 22.80 -3.57
CA LYS B 53 -3.04 21.66 -4.35
C LYS B 53 -4.42 21.36 -3.92
N LYS B 54 -5.17 20.82 -4.88
CA LYS B 54 -6.53 20.33 -4.63
C LYS B 54 -6.54 18.82 -4.81
N LEU B 55 -7.03 18.09 -3.82
CA LEU B 55 -7.28 16.64 -3.93
C LEU B 55 -8.76 16.54 -4.24
N THR B 56 -9.10 15.97 -5.39
CA THR B 56 -10.48 15.77 -5.81
C THR B 56 -10.92 14.42 -5.30
N ILE B 57 -12.01 14.41 -4.56
CA ILE B 57 -12.60 13.22 -4.02
C ILE B 57 -13.96 12.99 -4.65
N VAL B 58 -14.32 11.72 -4.80
CA VAL B 58 -15.72 11.36 -5.06
C VAL B 58 -16.07 10.33 -4.01
N GLU B 59 -17.08 10.65 -3.21
CA GLU B 59 -17.47 9.83 -2.08
C GLU B 59 -18.96 9.61 -2.23
N ASP B 60 -19.34 8.35 -2.37
CA ASP B 60 -20.75 8.01 -2.63
C ASP B 60 -21.32 8.84 -3.74
N GLY B 61 -20.57 9.03 -4.81
CA GLY B 61 -21.11 9.78 -5.95
C GLY B 61 -21.02 11.29 -5.97
N GLU B 62 -20.59 11.90 -4.87
CA GLU B 62 -20.55 13.35 -4.70
C GLU B 62 -19.08 13.83 -4.76
N THR B 63 -18.85 14.85 -5.57
CA THR B 63 -17.53 15.47 -5.67
C THR B 63 -17.25 16.37 -4.46
N LYS B 64 -16.06 16.23 -3.88
CA LYS B 64 -15.56 17.00 -2.76
C LYS B 64 -14.07 17.36 -3.00
N PHE B 65 -13.46 18.16 -2.15
CA PHE B 65 -12.03 18.40 -2.24
C PHE B 65 -11.42 18.58 -0.87
N ILE B 66 -10.08 18.40 -0.88
CA ILE B 66 -9.20 18.84 0.21
C ILE B 66 -8.20 19.78 -0.42
N LEU B 67 -7.86 20.83 0.30
CA LEU B 67 -6.80 21.75 -0.10
C LEU B 67 -5.55 21.51 0.72
N HIS B 68 -4.41 21.36 0.06
CA HIS B 68 -3.12 21.26 0.72
C HIS B 68 -2.25 22.41 0.36
N LYS B 69 -1.36 22.75 1.31
CA LYS B 69 -0.29 23.70 1.04
C LYS B 69 1.01 22.94 1.31
N VAL B 70 1.96 22.99 0.35
CA VAL B 70 3.30 22.44 0.60
C VAL B 70 4.02 23.43 1.50
N GLU B 71 4.51 22.96 2.65
CA GLU B 71 5.18 23.84 3.61
C GLU B 71 6.69 23.88 3.40
N SER B 72 7.33 22.73 3.31
CA SER B 72 8.76 22.67 3.15
C SER B 72 9.11 21.33 2.57
N ILE B 73 10.20 21.34 1.85
CA ILE B 73 10.71 20.12 1.24
C ILE B 73 12.22 20.27 1.47
N ASP B 74 12.86 19.25 2.03
CA ASP B 74 14.31 19.30 2.37
C ASP B 74 14.78 17.92 1.99
N GLU B 75 15.23 17.78 0.76
CA GLU B 75 15.64 16.44 0.27
C GLU B 75 16.85 15.91 1.05
N ALA B 76 17.78 16.78 1.40
CA ALA B 76 18.98 16.37 2.14
C ALA B 76 18.69 15.66 3.46
N ASN B 77 17.61 16.07 4.14
CA ASN B 77 17.23 15.42 5.39
C ASN B 77 15.91 14.65 5.28
N TYR B 78 15.59 14.24 4.06
CA TYR B 78 14.46 13.40 3.81
C TYR B 78 13.18 13.92 4.46
N ALA B 79 12.89 15.21 4.24
CA ALA B 79 11.75 15.90 4.85
C ALA B 79 10.74 16.44 3.83
N TYR B 80 9.46 16.15 4.10
CA TYR B 80 8.36 16.58 3.28
C TYR B 80 7.20 16.98 4.22
N ASN B 81 6.86 18.27 4.23
CA ASN B 81 5.86 18.82 5.17
C ASN B 81 4.75 19.47 4.38
N TYR B 82 3.50 19.13 4.69
CA TYR B 82 2.37 19.80 4.03
C TYR B 82 1.28 20.07 5.06
N SER B 83 0.36 20.96 4.71
CA SER B 83 -0.75 21.31 5.59
C SER B 83 -2.07 21.10 4.86
N VAL B 84 -3.06 20.67 5.61
CA VAL B 84 -4.47 20.77 5.19
C VAL B 84 -4.93 22.17 5.53
N VAL B 85 -5.35 22.89 4.48
CA VAL B 85 -5.75 24.29 4.59
C VAL B 85 -7.21 24.57 4.22
N GLY B 86 -7.92 23.54 3.83
CA GLY B 86 -9.31 23.69 3.54
C GLY B 86 -9.93 22.44 3.01
N GLY B 87 -11.23 22.52 2.78
CA GLY B 87 -11.99 21.43 2.26
C GLY B 87 -12.32 20.45 3.35
N VAL B 88 -12.66 19.23 2.93
CA VAL B 88 -13.38 18.32 3.87
C VAL B 88 -12.50 17.76 4.97
N ALA B 89 -11.19 17.81 4.81
CA ALA B 89 -10.27 17.31 5.85
C ALA B 89 -9.96 18.32 6.90
N LEU B 90 -10.48 19.52 6.81
CA LEU B 90 -10.25 20.51 7.85
C LEU B 90 -11.46 20.63 8.72
N PRO B 91 -11.38 20.22 9.98
CA PRO B 91 -12.52 20.38 10.87
C PRO B 91 -12.90 21.85 11.09
N PRO B 92 -14.19 22.10 11.41
CA PRO B 92 -14.64 23.48 11.51
C PRO B 92 -13.96 24.25 12.62
N THR B 93 -13.46 23.52 13.61
CA THR B 93 -12.77 24.09 14.73
C THR B 93 -11.27 24.30 14.50
N ALA B 94 -10.73 23.85 13.36
CA ALA B 94 -9.33 24.01 13.05
C ALA B 94 -9.07 25.10 12.04
N GLU B 95 -7.96 25.83 12.22
CA GLU B 95 -7.48 26.75 11.20
C GLU B 95 -6.66 26.09 10.12
N LYS B 96 -5.82 25.13 10.53
CA LYS B 96 -4.87 24.45 9.66
C LYS B 96 -4.34 23.25 10.40
N ILE B 97 -4.03 22.18 9.71
CA ILE B 97 -3.40 21.03 10.31
C ILE B 97 -2.20 20.68 9.46
N THR B 98 -1.03 20.58 10.07
CA THR B 98 0.18 20.31 9.34
C THR B 98 0.70 18.94 9.68
N PHE B 99 1.10 18.21 8.64
CA PHE B 99 1.63 16.85 8.74
C PHE B 99 3.10 16.92 8.27
N GLU B 100 4.05 16.81 9.19
CA GLU B 100 5.47 16.83 8.85
C GLU B 100 5.99 15.41 8.95
N THR B 101 6.86 15.07 8.01
CA THR B 101 7.55 13.78 7.96
C THR B 101 9.00 14.06 7.60
N LYS B 102 9.91 13.50 8.36
CA LYS B 102 11.31 13.53 7.98
C LYS B 102 11.89 12.20 8.33
N LEU B 103 12.76 11.69 7.50
CA LEU B 103 13.28 10.32 7.70
C LEU B 103 14.74 10.34 8.14
N VAL B 104 15.07 9.36 8.96
CA VAL B 104 16.45 9.06 9.26
C VAL B 104 16.69 7.58 9.00
N GLU B 105 17.96 7.22 8.86
CA GLU B 105 18.34 5.82 8.72
C GLU B 105 17.89 5.04 9.95
N GLY B 106 17.39 3.84 9.73
CA GLY B 106 16.86 2.97 10.78
C GLY B 106 17.61 1.66 10.66
N PRO B 107 17.18 0.62 11.41
CA PRO B 107 17.91 -0.65 11.42
C PRO B 107 17.74 -1.40 10.10
N ASN B 108 18.73 -2.24 9.77
CA ASN B 108 18.67 -3.11 8.58
C ASN B 108 18.52 -2.38 7.26
N GLY B 109 19.07 -1.18 7.19
CA GLY B 109 18.98 -0.36 5.99
C GLY B 109 17.55 0.10 5.72
N GLY B 110 16.75 0.19 6.79
CA GLY B 110 15.37 0.74 6.73
C GLY B 110 15.42 2.19 7.25
N SER B 111 14.28 2.68 7.73
CA SER B 111 14.05 4.08 8.05
C SER B 111 13.31 4.21 9.34
N ILE B 112 13.47 5.36 10.00
CA ILE B 112 12.55 5.81 11.04
C ILE B 112 11.91 7.08 10.51
N GLY B 113 10.57 7.11 10.51
CA GLY B 113 9.84 8.28 10.10
C GLY B 113 9.51 9.07 11.32
N LYS B 114 10.00 10.30 11.37
CA LYS B 114 9.75 11.20 12.47
C LYS B 114 8.59 12.09 12.03
N LEU B 115 7.43 11.86 12.63
CA LEU B 115 6.14 12.52 12.28
C LEU B 115 5.91 13.64 13.27
N THR B 116 5.45 14.78 12.79
CA THR B 116 4.96 15.83 13.67
C THR B 116 3.56 16.21 13.20
N LEU B 117 2.60 16.26 14.13
CA LEU B 117 1.33 16.90 13.83
C LEU B 117 1.32 18.29 14.44
N LYS B 118 0.98 19.31 13.64
CA LYS B 118 0.81 20.65 14.19
C LYS B 118 -0.61 21.06 13.95
N TYR B 119 -1.35 21.21 15.04
CA TYR B 119 -2.76 21.52 15.00
C TYR B 119 -2.96 22.97 15.37
N HIS B 120 -3.48 23.78 14.43
CA HIS B 120 -3.73 25.19 14.68
C HIS B 120 -5.21 25.38 14.99
N THR B 121 -5.53 25.87 16.18
CA THR B 121 -6.90 26.17 16.57
C THR B 121 -7.29 27.62 16.28
N LYS B 122 -8.60 27.89 16.38
CA LYS B 122 -9.11 29.24 16.27
C LYS B 122 -9.01 29.94 17.64
N GLY B 123 -8.29 31.06 17.64
CA GLY B 123 -8.09 31.93 18.78
C GLY B 123 -7.46 31.21 19.93
N ASP B 124 -8.17 31.23 21.05
CA ASP B 124 -7.63 30.71 22.31
C ASP B 124 -8.06 29.30 22.58
N ALA B 125 -8.78 28.63 21.67
CA ALA B 125 -9.29 27.29 21.99
C ALA B 125 -8.13 26.29 22.01
N LYS B 126 -8.31 25.21 22.79
CA LYS B 126 -7.45 24.07 22.67
C LYS B 126 -8.02 23.11 21.62
N PRO B 127 -7.18 22.19 21.10
CA PRO B 127 -7.67 21.26 20.10
C PRO B 127 -8.80 20.39 20.60
N ASP B 128 -9.77 20.15 19.74
CA ASP B 128 -10.80 19.08 20.00
C ASP B 128 -10.03 17.76 20.14
N GLU B 129 -10.22 17.09 21.27
CA GLU B 129 -9.55 15.82 21.54
C GLU B 129 -9.81 14.76 20.46
N GLU B 130 -11.04 14.69 19.96
CA GLU B 130 -11.33 13.75 18.93
C GLU B 130 -10.61 14.05 17.62
N GLU B 131 -10.50 15.34 17.29
CA GLU B 131 -9.75 15.73 16.08
C GLU B 131 -8.28 15.48 16.23
N LEU B 132 -7.70 15.66 17.44
CA LEU B 132 -6.32 15.25 17.66
C LEU B 132 -6.14 13.78 17.42
N LYS B 133 -7.05 12.95 17.95
CA LYS B 133 -6.96 11.52 17.69
C LYS B 133 -6.96 11.18 16.24
N LYS B 134 -7.86 11.79 15.49
CA LYS B 134 -7.98 11.54 14.06
C LYS B 134 -6.75 12.00 13.32
N GLY B 135 -6.23 13.14 13.73
CA GLY B 135 -5.04 13.70 13.08
C GLY B 135 -3.81 12.80 13.28
N LYS B 136 -3.64 12.31 14.48
CA LYS B 136 -2.53 11.36 14.75
C LYS B 136 -2.69 10.06 13.97
N ALA B 137 -3.93 9.53 13.95
CA ALA B 137 -4.16 8.28 13.22
C ALA B 137 -3.94 8.48 11.71
N LYS B 138 -4.37 9.60 11.18
CA LYS B 138 -4.19 9.91 9.79
C LYS B 138 -2.73 10.05 9.39
N GLY B 139 -1.95 10.74 10.22
CA GLY B 139 -0.55 10.90 9.94
C GLY B 139 0.18 9.55 9.89
N GLU B 140 -0.07 8.69 10.88
CA GLU B 140 0.56 7.37 10.90
C GLU B 140 0.04 6.52 9.77
N GLY B 141 -1.28 6.57 9.55
CA GLY B 141 -1.90 5.68 8.56
C GLY B 141 -1.37 6.00 7.17
N LEU B 142 -1.25 7.28 6.84
CA LEU B 142 -0.72 7.67 5.53
C LEU B 142 0.76 7.34 5.37
N PHE B 143 1.58 7.55 6.38
CA PHE B 143 2.96 7.07 6.34
C PHE B 143 2.98 5.57 6.04
N ARG B 144 2.20 4.80 6.81
CA ARG B 144 2.23 3.33 6.62
C ARG B 144 1.70 2.95 5.23
N ALA B 145 0.76 3.73 4.70
CA ALA B 145 0.25 3.43 3.38
C ALA B 145 1.17 3.78 2.23
N ILE B 146 1.87 4.92 2.32
CA ILE B 146 2.93 5.27 1.38
C ILE B 146 3.99 4.16 1.37
N GLU B 147 4.39 3.73 2.57
CA GLU B 147 5.31 2.60 2.69
C GLU B 147 4.76 1.35 1.98
N GLY B 148 3.49 1.05 2.22
CA GLY B 148 2.88 -0.11 1.60
C GLY B 148 2.87 -0.05 0.07
N TYR B 149 2.60 1.12 -0.46
CA TYR B 149 2.69 1.34 -1.89
C TYR B 149 4.13 1.04 -2.41
N VAL B 150 5.13 1.52 -1.69
CA VAL B 150 6.52 1.24 -2.07
C VAL B 150 6.81 -0.26 -2.02
N LEU B 151 6.31 -0.92 -1.00
CA LEU B 151 6.56 -2.36 -0.84
C LEU B 151 5.76 -3.22 -1.82
N ALA B 152 4.66 -2.69 -2.33
CA ALA B 152 3.86 -3.35 -3.35
C ALA B 152 4.42 -3.13 -4.76
N ASN B 153 5.33 -2.17 -4.94
CA ASN B 153 5.86 -1.78 -6.25
C ASN B 153 7.40 -1.76 -6.29
N PRO B 154 8.00 -2.86 -5.96
CA PRO B 154 9.47 -2.83 -5.73
C PRO B 154 10.38 -2.42 -6.92
N THR B 155 9.92 -2.64 -8.15
CA THR B 155 10.68 -2.18 -9.34
C THR B 155 10.76 -0.65 -9.44
N GLN B 156 9.66 0.01 -9.05
CA GLN B 156 9.56 1.45 -9.27
C GLN B 156 10.64 2.19 -8.47
N TYR B 157 11.44 1.44 -7.70
CA TYR B 157 12.45 1.95 -6.78
C TYR B 157 13.74 1.13 -6.84
#